data_7IF4
#
_entry.id   7IF4
#
_cell.length_a   45.300
_cell.length_b   73.470
_cell.length_c   52.530
_cell.angle_alpha   90.00
_cell.angle_beta   109.35
_cell.angle_gamma   90.00
#
_symmetry.space_group_name_H-M   'P 1 21 1'
#
loop_
_entity.id
_entity.type
_entity.pdbx_description
1 polymer Endothiapepsin
2 non-polymer 1-[5-(4-fluorophenyl)-1H-imidazol-2-yl]methanamine
3 non-polymer 'DIMETHYL SULFOXIDE'
4 non-polymer 1-METHOXY-2-[2-(2-METHOXY-ETHOXY]-ETHANE
5 non-polymer GLYCEROL
6 non-polymer 'ACETATE ION'
7 non-polymer DI(HYDROXYETHYL)ETHER
8 water water
#
_entity_poly.entity_id   1
_entity_poly.type   'polypeptide(L)'
_entity_poly.pdbx_seq_one_letter_code
;STGSATTTPIDSLDDAYITPVQIGTPAQTLNLDFDTGSSDLWVFSSETTASEVDGQTIYTPSKSTTAKLLSGATWSISYG
DGSSSSGDVYTDTVSVGGLTVTGQAVESAKKVSSSFTEDSTIDGLLGLAFSTLNTVSPTQQKTFFDNAKASLDSPVFTAD
LGYHAPGTYNFGFIDTTAYTGSITYTAVSTKQGFWEWTSTGYAVGSGTFKSTSIDGIADTGTTLLYLPATVVSAYWAQVS
GAKSSSSVGGYVFPCSATLPSFTFGVGSARIVIPGDYIDFGPISTGSSSCFGGIQSSAGIGINIFGDVALKAAFVVFNGA
TTPTLGFASK
;
_entity_poly.pdbx_strand_id   A
#
loop_
_chem_comp.id
_chem_comp.type
_chem_comp.name
_chem_comp.formula
A1CFT non-polymer 1-[5-(4-fluorophenyl)-1H-imidazol-2-yl]methanamine 'C10 H10 F N3'
ACT non-polymer 'ACETATE ION' 'C2 H3 O2 -1'
DMS non-polymer 'DIMETHYL SULFOXIDE' 'C2 H6 O S'
GOL non-polymer GLYCEROL 'C3 H8 O3'
PEG non-polymer DI(HYDROXYETHYL)ETHER 'C4 H10 O3'
PG5 non-polymer 1-METHOXY-2-[2-(2-METHOXY-ETHOXY]-ETHANE 'C8 H18 O4'
#
# COMPACT_ATOMS: atom_id res chain seq x y z
N SER A 1 11.60 -6.29 -20.46
CA SER A 1 10.73 -5.08 -20.47
C SER A 1 10.78 -4.37 -19.13
N THR A 2 10.29 -3.13 -19.10
CA THR A 2 10.10 -2.37 -17.86
C THR A 2 8.82 -1.56 -17.96
N GLY A 3 8.38 -1.05 -16.81
CA GLY A 3 7.34 -0.04 -16.79
C GLY A 3 7.66 0.99 -15.71
N SER A 4 7.09 2.19 -15.89
CA SER A 4 7.30 3.28 -14.91
C SER A 4 6.06 4.15 -14.92
N ALA A 5 5.42 4.31 -13.76
CA ALA A 5 4.21 5.12 -13.66
C ALA A 5 4.28 6.01 -12.44
N THR A 6 3.75 7.22 -12.58
CA THR A 6 3.64 8.15 -11.47
C THR A 6 2.46 7.80 -10.58
N THR A 7 2.66 7.85 -9.27
CA THR A 7 1.62 7.63 -8.27
C THR A 7 1.39 8.94 -7.50
N THR A 8 0.11 9.27 -7.26
CA THR A 8 -0.27 10.61 -6.80
C THR A 8 -1.14 10.48 -5.55
N PRO A 9 -0.87 11.23 -4.47
CA PRO A 9 -1.78 11.18 -3.32
CA PRO A 9 -1.78 11.20 -3.32
C PRO A 9 -3.18 11.63 -3.69
N ILE A 10 -4.17 10.97 -3.10
CA ILE A 10 -5.58 11.29 -3.42
C ILE A 10 -6.07 12.54 -2.71
N ASP A 11 -5.38 12.99 -1.67
CA ASP A 11 -5.84 14.11 -0.84
C ASP A 11 -4.63 14.71 -0.14
N SER A 12 -4.90 15.77 0.63
CA SER A 12 -3.83 16.55 1.25
C SER A 12 -3.14 15.82 2.40
N LEU A 13 -3.66 14.68 2.83
CA LEU A 13 -3.10 13.91 3.94
C LEU A 13 -2.31 12.70 3.46
N ASP A 14 -2.25 12.44 2.17
CA ASP A 14 -1.67 11.20 1.65
C ASP A 14 -2.42 9.97 2.17
N ASP A 15 -3.76 10.03 2.21
CA ASP A 15 -4.52 8.90 2.74
C ASP A 15 -4.34 7.65 1.88
N ALA A 16 -4.12 7.81 0.57
CA ALA A 16 -3.81 6.73 -0.34
C ALA A 16 -3.20 7.36 -1.57
N TYR A 17 -2.70 6.52 -2.47
CA TYR A 17 -2.05 6.95 -3.71
C TYR A 17 -2.70 6.23 -4.88
N ILE A 18 -2.90 6.93 -5.99
CA ILE A 18 -3.50 6.37 -7.19
C ILE A 18 -2.52 6.44 -8.36
N THR A 19 -2.55 5.42 -9.20
CA THR A 19 -1.65 5.25 -10.32
C THR A 19 -2.51 4.91 -11.54
N PRO A 20 -2.31 5.59 -12.67
CA PRO A 20 -3.15 5.29 -13.84
C PRO A 20 -2.76 3.95 -14.45
N VAL A 21 -3.78 3.20 -14.87
CA VAL A 21 -3.63 1.85 -15.42
C VAL A 21 -4.52 1.76 -16.65
N GLN A 22 -3.96 1.29 -17.76
CA GLN A 22 -4.71 1.11 -19.00
C GLN A 22 -5.27 -0.31 -19.05
N ILE A 23 -6.58 -0.44 -19.25
CA ILE A 23 -7.24 -1.74 -19.30
C ILE A 23 -8.04 -1.84 -20.60
N GLY A 24 -7.85 -2.92 -21.35
CA GLY A 24 -8.69 -3.19 -22.50
C GLY A 24 -8.20 -2.54 -23.79
N THR A 25 -9.00 -2.76 -24.84
CA THR A 25 -8.71 -2.29 -26.20
C THR A 25 -9.98 -1.75 -26.83
N PRO A 26 -10.05 -0.46 -27.18
CA PRO A 26 -9.07 0.60 -26.88
C PRO A 26 -8.91 0.76 -25.38
N ALA A 27 -7.82 1.39 -24.96
CA ALA A 27 -7.53 1.51 -23.54
C ALA A 27 -8.63 2.26 -22.81
N GLN A 28 -8.96 1.77 -21.62
CA GLN A 28 -9.74 2.48 -20.63
C GLN A 28 -8.81 2.74 -19.46
N THR A 29 -8.54 4.00 -19.15
CA THR A 29 -7.62 4.35 -18.08
C THR A 29 -8.38 4.54 -16.77
N LEU A 30 -8.03 3.73 -15.77
CA LEU A 30 -8.57 3.82 -14.43
C LEU A 30 -7.43 4.12 -13.46
N ASN A 31 -7.73 4.85 -12.40
CA ASN A 31 -6.74 5.19 -11.38
C ASN A 31 -6.87 4.22 -10.21
N LEU A 32 -5.87 3.35 -10.08
CA LEU A 32 -5.93 2.26 -9.13
C LEU A 32 -5.00 2.48 -7.94
N ASP A 33 -5.40 1.95 -6.79
CA ASP A 33 -4.61 1.98 -5.57
C ASP A 33 -3.73 0.74 -5.56
N PHE A 34 -2.43 0.91 -5.81
CA PHE A 34 -1.48 -0.20 -5.80
C PHE A 34 -1.26 -0.65 -4.37
N ASP A 35 -1.50 -1.92 -4.10
CA ASP A 35 -1.64 -2.42 -2.73
C ASP A 35 -0.74 -3.64 -2.54
N THR A 36 0.44 -3.47 -1.95
CA THR A 36 1.33 -4.59 -1.69
C THR A 36 0.87 -5.46 -0.54
N GLY A 37 -0.28 -5.16 0.07
CA GLY A 37 -0.90 -5.99 1.08
C GLY A 37 -2.07 -6.85 0.62
N SER A 38 -2.37 -6.88 -0.68
CA SER A 38 -3.41 -7.77 -1.19
C SER A 38 -3.03 -8.20 -2.60
N SER A 39 -3.84 -9.10 -3.18
CA SER A 39 -3.43 -9.78 -4.40
C SER A 39 -4.52 -9.87 -5.46
N ASP A 40 -5.52 -8.97 -5.40
CA ASP A 40 -6.58 -8.89 -6.38
C ASP A 40 -6.47 -7.57 -7.13
N LEU A 41 -6.65 -7.61 -8.45
CA LEU A 41 -6.81 -6.42 -9.28
C LEU A 41 -8.30 -6.33 -9.55
N TRP A 42 -8.97 -5.38 -8.89
CA TRP A 42 -10.41 -5.23 -9.05
C TRP A 42 -10.74 -3.79 -9.36
N VAL A 43 -11.82 -3.60 -10.12
CA VAL A 43 -12.20 -2.29 -10.62
C VAL A 43 -13.70 -2.06 -10.47
N PHE A 44 -14.04 -0.79 -10.25
CA PHE A 44 -15.40 -0.32 -10.52
C PHE A 44 -15.71 -0.57 -11.99
N SER A 45 -16.96 -0.95 -12.28
CA SER A 45 -17.27 -1.40 -13.63
C SER A 45 -18.71 -1.08 -13.98
N SER A 46 -19.05 -1.37 -15.23
CA SER A 46 -20.43 -1.28 -15.69
C SER A 46 -21.35 -2.26 -14.97
N GLU A 47 -20.79 -3.22 -14.24
CA GLU A 47 -21.56 -4.19 -13.46
C GLU A 47 -21.75 -3.76 -12.02
N THR A 48 -21.08 -2.69 -11.57
CA THR A 48 -21.19 -2.29 -10.18
C THR A 48 -22.58 -1.71 -9.90
N THR A 49 -23.21 -2.19 -8.82
CA THR A 49 -24.49 -1.65 -8.36
C THR A 49 -24.48 -0.13 -8.46
N ALA A 50 -25.46 0.42 -9.18
CA ALA A 50 -25.39 1.83 -9.55
C ALA A 50 -25.32 2.73 -8.33
N SER A 51 -26.09 2.41 -7.28
CA SER A 51 -26.11 3.24 -6.08
C SER A 51 -24.79 3.22 -5.32
N GLU A 52 -23.88 2.32 -5.68
CA GLU A 52 -22.57 2.22 -5.03
C GLU A 52 -21.45 2.86 -5.84
N VAL A 53 -21.78 3.49 -6.97
CA VAL A 53 -20.82 4.26 -7.76
C VAL A 53 -21.10 5.73 -7.51
N ASP A 54 -20.07 6.51 -7.14
CA ASP A 54 -20.22 7.93 -6.86
C ASP A 54 -18.96 8.66 -7.35
N GLY A 55 -18.86 8.79 -8.67
CA GLY A 55 -17.80 9.58 -9.27
C GLY A 55 -16.63 8.79 -9.82
N GLN A 56 -16.54 7.49 -9.53
CA GLN A 56 -15.44 6.68 -10.04
C GLN A 56 -15.56 6.50 -11.56
N THR A 57 -14.39 6.33 -12.19
CA THR A 57 -14.35 5.88 -13.57
C THR A 57 -14.53 4.37 -13.60
N ILE A 58 -15.36 3.89 -14.52
CA ILE A 58 -15.72 2.48 -14.58
C ILE A 58 -15.09 1.81 -15.80
N TYR A 59 -14.75 0.52 -15.62
CA TYR A 59 -14.35 -0.35 -16.71
C TYR A 59 -15.60 -0.97 -17.31
N THR A 60 -15.73 -0.89 -18.63
CA THR A 60 -16.86 -1.49 -19.34
C THR A 60 -16.33 -2.60 -20.25
N PRO A 61 -16.36 -3.86 -19.82
CA PRO A 61 -15.74 -4.91 -20.65
C PRO A 61 -16.37 -5.06 -22.01
N SER A 62 -17.67 -4.76 -22.16
CA SER A 62 -18.32 -4.91 -23.45
C SER A 62 -17.75 -3.96 -24.50
N LYS A 63 -17.05 -2.92 -24.09
CA LYS A 63 -16.41 -1.98 -25.00
C LYS A 63 -14.97 -2.34 -25.31
N SER A 64 -14.44 -3.42 -24.74
CA SER A 64 -13.06 -3.85 -24.95
C SER A 64 -13.05 -5.08 -25.86
N THR A 65 -12.38 -4.97 -27.00
CA THR A 65 -12.32 -6.07 -27.96
C THR A 65 -11.46 -7.23 -27.47
N THR A 66 -10.66 -7.03 -26.43
CA THR A 66 -9.78 -8.06 -25.88
C THR A 66 -10.32 -8.64 -24.57
N ALA A 67 -11.46 -8.15 -24.06
CA ALA A 67 -12.02 -8.68 -22.83
C ALA A 67 -12.70 -10.03 -23.09
N LYS A 68 -12.53 -10.95 -22.15
CA LYS A 68 -13.18 -12.25 -22.20
CA LYS A 68 -13.21 -12.23 -22.21
C LYS A 68 -13.67 -12.60 -20.81
N LEU A 69 -14.94 -12.99 -20.68
CA LEU A 69 -15.42 -13.44 -19.38
C LEU A 69 -14.63 -14.67 -18.97
N LEU A 70 -14.19 -14.70 -17.72
CA LEU A 70 -13.56 -15.90 -17.15
C LEU A 70 -14.70 -16.72 -16.55
N SER A 71 -15.18 -17.69 -17.31
CA SER A 71 -16.47 -18.29 -17.02
C SER A 71 -16.46 -19.00 -15.67
N GLY A 72 -17.46 -18.66 -14.85
CA GLY A 72 -17.63 -19.30 -13.57
C GLY A 72 -16.85 -18.69 -12.45
N ALA A 73 -15.96 -17.76 -12.74
CA ALA A 73 -15.08 -17.23 -11.71
C ALA A 73 -15.75 -16.10 -10.94
N THR A 74 -15.64 -16.14 -9.63
CA THR A 74 -16.10 -15.08 -8.75
C THR A 74 -14.99 -14.71 -7.78
N TRP A 75 -15.16 -13.55 -7.15
CA TRP A 75 -14.19 -13.07 -6.17
C TRP A 75 -14.92 -12.33 -5.08
N SER A 76 -14.30 -12.30 -3.90
CA SER A 76 -14.86 -11.60 -2.75
C SER A 76 -13.73 -11.36 -1.77
N ILE A 77 -13.54 -10.12 -1.35
CA ILE A 77 -12.39 -9.77 -0.52
C ILE A 77 -12.86 -8.87 0.61
N SER A 78 -12.28 -9.08 1.79
CA SER A 78 -12.45 -8.19 2.94
C SER A 78 -11.08 -7.73 3.39
N TYR A 79 -10.90 -6.44 3.55
CA TYR A 79 -9.63 -5.84 3.93
C TYR A 79 -9.56 -5.66 5.44
N GLY A 80 -8.35 -5.37 5.93
CA GLY A 80 -8.12 -5.30 7.37
C GLY A 80 -8.91 -4.24 8.09
N ASP A 81 -9.38 -3.21 7.39
CA ASP A 81 -10.16 -2.14 7.98
C ASP A 81 -11.65 -2.42 7.97
N GLY A 82 -12.08 -3.53 7.37
CA GLY A 82 -13.49 -3.82 7.29
C GLY A 82 -14.13 -3.47 5.96
N SER A 83 -13.38 -2.90 5.03
N SER A 83 -13.39 -2.88 5.03
CA SER A 83 -13.87 -2.63 3.69
CA SER A 83 -13.97 -2.62 3.71
C SER A 83 -13.97 -3.93 2.91
C SER A 83 -13.93 -3.89 2.88
N SER A 84 -14.75 -3.92 1.82
CA SER A 84 -14.94 -5.15 1.06
C SER A 84 -15.48 -4.86 -0.33
N SER A 85 -15.36 -5.86 -1.19
CA SER A 85 -15.90 -5.80 -2.55
C SER A 85 -15.98 -7.22 -3.09
N SER A 86 -16.81 -7.41 -4.13
CA SER A 86 -16.96 -8.74 -4.74
C SER A 86 -17.55 -8.61 -6.14
N GLY A 87 -17.41 -9.68 -6.92
CA GLY A 87 -17.95 -9.66 -8.26
C GLY A 87 -17.53 -10.86 -9.09
N ASP A 88 -17.46 -10.65 -10.40
CA ASP A 88 -17.06 -11.67 -11.36
C ASP A 88 -15.76 -11.22 -12.04
N VAL A 89 -15.31 -11.96 -13.07
CA VAL A 89 -13.93 -11.82 -13.54
C VAL A 89 -13.87 -11.88 -15.06
N TYR A 90 -13.09 -10.96 -15.64
CA TYR A 90 -12.73 -10.95 -17.05
C TYR A 90 -11.22 -11.13 -17.15
N THR A 91 -10.74 -11.60 -18.28
CA THR A 91 -9.34 -11.41 -18.62
C THR A 91 -9.26 -10.33 -19.69
N ASP A 92 -8.20 -9.53 -19.62
CA ASP A 92 -8.02 -8.45 -20.58
C ASP A 92 -6.56 -8.01 -20.56
N THR A 93 -6.22 -7.13 -21.48
CA THR A 93 -4.89 -6.55 -21.55
C THR A 93 -4.78 -5.38 -20.58
N VAL A 94 -3.74 -5.41 -19.74
CA VAL A 94 -3.52 -4.39 -18.72
C VAL A 94 -2.11 -3.85 -18.87
N SER A 95 -1.98 -2.53 -18.90
CA SER A 95 -0.68 -1.88 -19.02
C SER A 95 -0.48 -0.88 -17.90
N VAL A 96 0.72 -0.87 -17.34
CA VAL A 96 1.12 0.08 -16.31
C VAL A 96 2.40 0.74 -16.78
N GLY A 97 2.34 2.04 -17.04
CA GLY A 97 3.58 2.75 -17.33
C GLY A 97 4.36 2.18 -18.48
N GLY A 98 3.67 1.67 -19.49
CA GLY A 98 4.33 1.10 -20.66
C GLY A 98 4.57 -0.40 -20.62
N LEU A 99 4.36 -1.05 -19.49
CA LEU A 99 4.54 -2.50 -19.33
C LEU A 99 3.18 -3.16 -19.52
N THR A 100 3.08 -4.10 -20.47
CA THR A 100 1.81 -4.70 -20.84
C THR A 100 1.76 -6.17 -20.47
N VAL A 101 0.66 -6.60 -19.85
CA VAL A 101 0.34 -8.00 -19.59
C VAL A 101 -0.93 -8.34 -20.36
N THR A 102 -0.88 -9.37 -21.19
CA THR A 102 -2.09 -9.90 -21.79
C THR A 102 -2.67 -11.01 -20.91
N GLY A 103 -4.00 -11.17 -20.97
CA GLY A 103 -4.64 -12.19 -20.19
C GLY A 103 -4.66 -11.97 -18.69
N GLN A 104 -4.52 -10.72 -18.24
CA GLN A 104 -4.61 -10.43 -16.82
C GLN A 104 -6.05 -10.58 -16.31
N ALA A 105 -6.20 -11.21 -15.15
CA ALA A 105 -7.50 -11.25 -14.49
C ALA A 105 -7.86 -9.86 -13.97
N VAL A 106 -8.95 -9.32 -14.48
CA VAL A 106 -9.52 -8.04 -14.08
C VAL A 106 -10.82 -8.35 -13.38
N GLU A 107 -10.87 -8.13 -12.08
CA GLU A 107 -12.00 -8.54 -11.25
C GLU A 107 -13.00 -7.40 -11.23
N SER A 108 -14.17 -7.63 -11.79
CA SER A 108 -15.18 -6.59 -11.97
C SER A 108 -16.09 -6.56 -10.75
N ALA A 109 -16.20 -5.41 -10.10
CA ALA A 109 -17.00 -5.34 -8.89
C ALA A 109 -18.48 -5.30 -9.24
N LYS A 110 -19.25 -6.19 -8.62
CA LYS A 110 -20.70 -6.03 -8.55
C LYS A 110 -21.14 -5.28 -7.30
N LYS A 111 -20.40 -5.43 -6.21
CA LYS A 111 -20.69 -4.79 -4.93
C LYS A 111 -19.39 -4.25 -4.35
N VAL A 112 -19.48 -3.08 -3.73
CA VAL A 112 -18.38 -2.50 -2.97
C VAL A 112 -18.94 -1.94 -1.67
N SER A 113 -18.11 -1.91 -0.62
CA SER A 113 -18.55 -1.33 0.63
C SER A 113 -18.55 0.19 0.55
N SER A 114 -19.26 0.81 1.49
CA SER A 114 -19.45 2.26 1.47
C SER A 114 -18.13 3.01 1.47
N SER A 115 -17.09 2.48 2.12
CA SER A 115 -15.81 3.18 2.16
C SER A 115 -15.27 3.39 0.75
N PHE A 116 -15.46 2.41 -0.14
CA PHE A 116 -14.99 2.56 -1.52
C PHE A 116 -15.90 3.51 -2.31
N THR A 117 -17.22 3.38 -2.14
CA THR A 117 -18.13 4.31 -2.81
C THR A 117 -17.75 5.75 -2.49
N GLU A 118 -17.36 6.00 -1.25
CA GLU A 118 -17.04 7.36 -0.81
C GLU A 118 -15.69 7.88 -1.31
N ASP A 119 -14.81 7.01 -1.79
CA ASP A 119 -13.50 7.44 -2.31
C ASP A 119 -13.69 7.62 -3.82
N SER A 120 -14.17 8.81 -4.24
CA SER A 120 -14.45 9.03 -5.66
C SER A 120 -13.19 8.98 -6.51
N THR A 121 -12.01 9.10 -5.90
CA THR A 121 -10.73 9.16 -6.60
C THR A 121 -10.12 7.79 -6.83
N ILE A 122 -10.63 6.73 -6.19
CA ILE A 122 -10.06 5.39 -6.30
C ILE A 122 -10.99 4.54 -7.17
N ASP A 123 -10.51 4.15 -8.35
CA ASP A 123 -11.31 3.38 -9.30
C ASP A 123 -11.16 1.88 -9.11
N GLY A 124 -10.36 1.45 -8.15
CA GLY A 124 -10.12 0.05 -7.87
C GLY A 124 -8.74 -0.11 -7.25
N LEU A 125 -8.37 -1.38 -7.04
CA LEU A 125 -7.11 -1.75 -6.41
C LEU A 125 -6.31 -2.65 -7.35
N LEU A 126 -5.00 -2.54 -7.29
CA LEU A 126 -4.09 -3.43 -8.02
C LEU A 126 -3.20 -4.10 -6.99
N GLY A 127 -3.47 -5.36 -6.70
CA GLY A 127 -2.75 -6.06 -5.63
C GLY A 127 -1.36 -6.50 -6.07
N LEU A 128 -0.41 -6.36 -5.15
CA LEU A 128 1.00 -6.66 -5.40
C LEU A 128 1.61 -7.52 -4.30
N ALA A 129 0.78 -8.13 -3.45
CA ALA A 129 1.25 -9.19 -2.56
C ALA A 129 1.36 -10.50 -3.35
N PHE A 130 1.57 -11.61 -2.66
CA PHE A 130 1.81 -12.86 -3.36
C PHE A 130 0.50 -13.47 -3.84
N SER A 131 0.55 -14.15 -5.01
CA SER A 131 -0.69 -14.62 -5.65
C SER A 131 -1.44 -15.65 -4.82
N THR A 132 -0.79 -16.28 -3.85
CA THR A 132 -1.47 -17.18 -2.94
C THR A 132 -2.61 -16.52 -2.17
N LEU A 133 -2.63 -15.17 -2.06
CA LEU A 133 -3.75 -14.47 -1.41
C LEU A 133 -4.89 -14.13 -2.37
N ASN A 134 -4.75 -14.36 -3.66
CA ASN A 134 -5.79 -13.94 -4.60
C ASN A 134 -7.09 -14.69 -4.29
N THR A 135 -8.22 -13.97 -4.32
CA THR A 135 -9.49 -14.53 -3.86
C THR A 135 -10.33 -15.16 -4.97
N VAL A 136 -9.88 -15.15 -6.23
CA VAL A 136 -10.72 -15.70 -7.30
C VAL A 136 -10.96 -17.19 -7.08
N SER A 137 -12.21 -17.61 -7.23
CA SER A 137 -12.66 -18.98 -7.07
C SER A 137 -13.46 -19.37 -8.32
N PRO A 138 -13.34 -20.62 -8.79
CA PRO A 138 -12.61 -21.74 -8.20
C PRO A 138 -11.15 -21.85 -8.64
N THR A 139 -10.70 -20.96 -9.53
CA THR A 139 -9.35 -20.99 -10.08
C THR A 139 -8.64 -19.70 -9.67
N GLN A 140 -7.72 -19.81 -8.72
CA GLN A 140 -7.01 -18.63 -8.24
C GLN A 140 -6.20 -18.01 -9.38
N GLN A 141 -6.15 -16.68 -9.37
CA GLN A 141 -5.49 -15.92 -10.44
C GLN A 141 -4.20 -15.26 -9.95
N LYS A 142 -3.34 -14.92 -10.92
CA LYS A 142 -2.05 -14.29 -10.64
C LYS A 142 -2.14 -12.77 -10.63
N THR A 143 -1.31 -12.14 -9.79
CA THR A 143 -1.20 -10.69 -9.81
C THR A 143 -0.53 -10.20 -11.10
N PHE A 144 -0.70 -8.90 -11.34
CA PHE A 144 -0.06 -8.24 -12.46
C PHE A 144 1.45 -8.46 -12.44
N PHE A 145 2.08 -8.32 -11.26
CA PHE A 145 3.53 -8.51 -11.16
C PHE A 145 3.92 -9.95 -11.45
N ASP A 146 3.16 -10.90 -10.91
N ASP A 146 3.18 -10.92 -10.91
CA ASP A 146 3.44 -12.31 -11.16
CA ASP A 146 3.52 -12.31 -11.21
C ASP A 146 3.36 -12.62 -12.66
C ASP A 146 3.39 -12.60 -12.69
N ASN A 147 2.34 -12.09 -13.34
CA ASN A 147 2.21 -12.32 -14.78
C ASN A 147 3.32 -11.64 -15.56
N ALA A 148 3.78 -10.46 -15.13
CA ALA A 148 4.79 -9.71 -15.85
C ALA A 148 6.20 -10.22 -15.61
N LYS A 149 6.41 -10.95 -14.51
CA LYS A 149 7.75 -11.13 -13.93
C LYS A 149 8.74 -11.70 -14.93
N ALA A 150 8.36 -12.76 -15.66
CA ALA A 150 9.33 -13.43 -16.51
C ALA A 150 9.80 -12.52 -17.64
N SER A 151 8.96 -11.57 -18.05
CA SER A 151 9.29 -10.65 -19.13
C SER A 151 10.14 -9.48 -18.66
N LEU A 152 10.19 -9.21 -17.36
CA LEU A 152 10.88 -8.04 -16.86
C LEU A 152 12.39 -8.20 -16.97
N ASP A 153 13.09 -7.07 -17.12
CA ASP A 153 14.54 -7.12 -17.16
C ASP A 153 15.10 -7.73 -15.88
N SER A 154 14.48 -7.43 -14.74
CA SER A 154 14.83 -7.96 -13.43
CA SER A 154 14.83 -7.97 -13.44
C SER A 154 13.49 -8.18 -12.73
N PRO A 155 13.36 -9.25 -11.93
CA PRO A 155 12.04 -9.60 -11.35
C PRO A 155 11.74 -8.81 -10.09
N VAL A 156 11.57 -7.49 -10.25
CA VAL A 156 11.44 -6.55 -9.16
C VAL A 156 10.42 -5.48 -9.51
N PHE A 157 9.86 -4.87 -8.47
CA PHE A 157 9.19 -3.57 -8.62
C PHE A 157 9.61 -2.72 -7.44
N THR A 158 9.51 -1.40 -7.61
CA THR A 158 9.91 -0.48 -6.55
C THR A 158 8.80 0.52 -6.28
N ALA A 159 8.69 0.91 -5.01
CA ALA A 159 7.74 1.91 -4.55
C ALA A 159 8.52 3.11 -4.03
N ASP A 160 8.23 4.27 -4.58
CA ASP A 160 8.86 5.53 -4.20
C ASP A 160 7.72 6.52 -3.97
N LEU A 161 7.10 6.44 -2.80
CA LEU A 161 5.94 7.27 -2.51
C LEU A 161 6.40 8.63 -2.01
N GLY A 162 5.69 9.67 -2.44
CA GLY A 162 6.00 11.02 -2.02
C GLY A 162 5.28 11.44 -0.76
N TYR A 163 5.88 12.37 -0.04
CA TYR A 163 5.22 13.06 1.06
C TYR A 163 4.54 14.29 0.49
N HIS A 164 3.21 14.30 0.51
CA HIS A 164 2.44 15.41 -0.02
C HIS A 164 2.90 15.78 -1.43
N ALA A 165 3.21 14.76 -2.24
CA ALA A 165 3.76 14.98 -3.57
C ALA A 165 3.69 13.67 -4.33
N PRO A 166 3.73 13.73 -5.67
CA PRO A 166 3.75 12.49 -6.46
C PRO A 166 5.04 11.72 -6.27
N GLY A 167 4.96 10.45 -6.63
CA GLY A 167 6.05 9.50 -6.54
C GLY A 167 5.97 8.56 -7.73
N THR A 168 6.62 7.40 -7.63
CA THR A 168 6.79 6.51 -8.78
C THR A 168 6.73 5.04 -8.35
N TYR A 169 6.04 4.24 -9.18
CA TYR A 169 6.16 2.79 -9.18
C TYR A 169 6.92 2.39 -10.44
N ASN A 170 8.04 1.67 -10.27
CA ASN A 170 8.78 1.11 -11.39
C ASN A 170 8.71 -0.41 -11.36
N PHE A 171 8.66 -1.00 -12.55
CA PHE A 171 8.64 -2.45 -12.73
C PHE A 171 9.82 -2.86 -13.58
N GLY A 172 10.63 -3.79 -13.07
CA GLY A 172 11.68 -4.42 -13.84
C GLY A 172 13.04 -3.79 -13.77
N PHE A 173 13.21 -2.70 -13.01
CA PHE A 173 14.52 -2.06 -12.90
C PHE A 173 14.57 -1.22 -11.63
N ILE A 174 15.78 -0.94 -11.16
N ILE A 174 15.79 -1.00 -11.15
CA ILE A 174 16.00 -0.13 -9.97
CA ILE A 174 16.11 -0.13 -10.03
C ILE A 174 16.67 1.16 -10.42
C ILE A 174 16.61 1.19 -10.62
N ASP A 175 15.95 2.29 -10.27
CA ASP A 175 16.43 3.61 -10.68
C ASP A 175 17.44 4.06 -9.64
N THR A 176 18.74 3.96 -9.97
CA THR A 176 19.78 4.29 -9.02
C THR A 176 19.88 5.78 -8.77
N THR A 177 19.14 6.62 -9.49
CA THR A 177 19.10 8.06 -9.20
C THR A 177 18.02 8.43 -8.21
N ALA A 178 17.19 7.48 -7.78
CA ALA A 178 16.01 7.75 -6.97
C ALA A 178 16.25 7.64 -5.47
N TYR A 179 17.47 7.31 -5.05
CA TYR A 179 17.73 7.13 -3.62
C TYR A 179 19.15 7.57 -3.34
N THR A 180 19.44 7.78 -2.06
CA THR A 180 20.76 8.15 -1.58
C THR A 180 21.38 6.94 -0.90
N GLY A 181 22.71 6.93 -0.84
CA GLY A 181 23.40 5.84 -0.17
C GLY A 181 23.15 4.50 -0.86
N SER A 182 23.12 3.44 -0.06
N SER A 182 23.09 3.44 -0.06
CA SER A 182 22.91 2.09 -0.57
CA SER A 182 22.90 2.10 -0.56
C SER A 182 21.57 1.52 -0.12
C SER A 182 21.53 1.55 -0.17
N ILE A 183 21.13 0.48 -0.84
CA ILE A 183 19.90 -0.24 -0.52
C ILE A 183 20.28 -1.38 0.40
N THR A 184 19.61 -1.49 1.55
CA THR A 184 19.81 -2.61 2.47
C THR A 184 18.68 -3.61 2.27
N TYR A 185 19.05 -4.84 1.96
CA TYR A 185 18.08 -5.90 1.74
C TYR A 185 17.91 -6.74 2.99
N THR A 186 16.70 -7.26 3.15
CA THR A 186 16.32 -8.00 4.34
C THR A 186 15.39 -9.14 3.93
N ALA A 187 15.39 -10.21 4.72
CA ALA A 187 14.67 -11.43 4.37
C ALA A 187 13.16 -11.24 4.46
N VAL A 188 12.45 -12.00 3.63
CA VAL A 188 10.99 -11.98 3.53
C VAL A 188 10.47 -13.37 3.79
N SER A 189 9.41 -13.47 4.59
CA SER A 189 8.61 -14.68 4.70
C SER A 189 7.36 -14.51 3.85
N THR A 190 7.09 -15.49 2.98
CA THR A 190 5.87 -15.49 2.20
C THR A 190 4.78 -16.39 2.79
N LYS A 191 4.98 -16.87 4.02
CA LYS A 191 4.10 -17.89 4.59
C LYS A 191 2.66 -17.39 4.77
N GLN A 192 2.47 -16.09 4.98
CA GLN A 192 1.14 -15.50 5.10
C GLN A 192 0.72 -14.79 3.82
N GLY A 193 1.51 -14.88 2.76
CA GLY A 193 1.17 -14.24 1.50
C GLY A 193 1.56 -12.79 1.38
N PHE A 194 2.21 -12.21 2.38
CA PHE A 194 2.58 -10.80 2.42
C PHE A 194 4.07 -10.64 2.22
N TRP A 195 4.47 -9.38 1.98
CA TRP A 195 5.88 -8.98 2.03
C TRP A 195 6.23 -8.75 3.49
N GLU A 196 6.44 -9.87 4.20
CA GLU A 196 6.61 -9.86 5.65
C GLU A 196 8.10 -9.96 5.98
N TRP A 197 8.55 -9.08 6.87
CA TRP A 197 9.97 -8.95 7.18
C TRP A 197 10.09 -8.59 8.65
N THR A 198 11.32 -8.48 9.14
CA THR A 198 11.57 -8.21 10.55
C THR A 198 12.48 -6.98 10.68
N SER A 199 11.94 -5.90 11.19
CA SER A 199 12.73 -4.74 11.51
C SER A 199 13.59 -5.03 12.72
N THR A 200 14.75 -4.38 12.77
CA THR A 200 15.72 -4.61 13.83
C THR A 200 15.59 -3.64 15.01
N GLY A 201 14.68 -2.67 14.95
CA GLY A 201 14.40 -1.86 16.12
C GLY A 201 13.93 -0.48 15.73
N TYR A 202 14.00 0.43 16.70
CA TYR A 202 13.44 1.76 16.50
C TYR A 202 14.10 2.78 17.42
N ALA A 203 13.94 4.06 17.05
CA ALA A 203 14.27 5.17 17.91
C ALA A 203 13.18 6.22 17.79
N VAL A 204 13.01 7.01 18.86
CA VAL A 204 12.05 8.11 18.90
C VAL A 204 12.84 9.41 18.93
N GLY A 205 12.64 10.26 17.93
CA GLY A 205 13.36 11.52 17.89
C GLY A 205 14.85 11.28 17.92
N SER A 206 15.55 12.07 18.74
CA SER A 206 17.00 11.96 18.89
CA SER A 206 16.99 11.97 18.89
C SER A 206 17.41 10.92 19.91
N GLY A 207 16.46 10.12 20.40
CA GLY A 207 16.77 9.12 21.40
C GLY A 207 17.60 7.96 20.89
N THR A 208 18.04 7.14 21.85
CA THR A 208 18.88 6.02 21.51
C THR A 208 18.06 4.94 20.83
N PHE A 209 18.72 4.22 19.93
CA PHE A 209 18.08 3.16 19.18
C PHE A 209 17.90 1.93 20.07
N LYS A 210 16.68 1.39 20.07
CA LYS A 210 16.32 0.18 20.79
C LYS A 210 16.37 -1.00 19.82
N SER A 211 17.27 -1.94 20.07
CA SER A 211 17.39 -3.13 19.25
C SER A 211 16.33 -4.15 19.69
N THR A 212 15.40 -4.44 18.80
CA THR A 212 14.31 -5.37 19.09
C THR A 212 13.69 -5.78 17.77
N SER A 213 13.36 -7.07 17.65
CA SER A 213 12.80 -7.57 16.40
C SER A 213 11.32 -7.23 16.30
N ILE A 214 10.92 -6.62 15.20
CA ILE A 214 9.52 -6.27 14.95
C ILE A 214 9.11 -6.88 13.62
N ASP A 215 8.34 -7.96 13.66
CA ASP A 215 7.85 -8.61 12.46
CA ASP A 215 7.86 -8.60 12.45
C ASP A 215 6.67 -7.83 11.90
N GLY A 216 6.68 -7.53 10.61
CA GLY A 216 5.55 -6.81 10.04
C GLY A 216 5.55 -6.89 8.53
N ILE A 217 4.58 -6.23 7.91
CA ILE A 217 4.40 -6.32 6.46
C ILE A 217 4.62 -4.95 5.83
N ALA A 218 5.24 -4.93 4.64
CA ALA A 218 5.35 -3.71 3.84
C ALA A 218 4.08 -3.60 3.01
N ASP A 219 3.23 -2.62 3.34
CA ASP A 219 1.87 -2.52 2.80
C ASP A 219 1.57 -1.12 2.27
N THR A 220 1.76 -0.94 0.96
CA THR A 220 1.46 0.35 0.35
C THR A 220 -0.03 0.72 0.41
N GLY A 221 -0.92 -0.25 0.62
CA GLY A 221 -2.33 -0.03 0.71
C GLY A 221 -2.86 0.33 2.07
N THR A 222 -2.00 0.45 3.06
CA THR A 222 -2.37 0.92 4.40
C THR A 222 -1.76 2.31 4.61
N THR A 223 -2.58 3.24 5.14
CA THR A 223 -2.12 4.63 5.26
C THR A 223 -1.04 4.78 6.32
N LEU A 224 -1.26 4.20 7.50
CA LEU A 224 -0.48 4.50 8.69
C LEU A 224 0.53 3.41 9.02
N LEU A 225 1.29 3.66 10.09
CA LEU A 225 2.30 2.75 10.64
C LEU A 225 1.74 2.15 11.91
N TYR A 226 1.51 0.83 11.92
CA TYR A 226 0.92 0.11 13.05
C TYR A 226 1.98 -0.77 13.68
N LEU A 227 2.30 -0.52 14.95
CA LEU A 227 3.40 -1.17 15.65
C LEU A 227 2.94 -1.62 17.03
N PRO A 228 3.74 -2.44 17.72
CA PRO A 228 3.32 -2.94 19.03
C PRO A 228 3.04 -1.81 20.01
N ALA A 229 2.11 -2.07 20.92
CA ALA A 229 1.68 -1.05 21.88
C ALA A 229 2.84 -0.47 22.67
N THR A 230 3.84 -1.28 23.03
CA THR A 230 4.99 -0.76 23.77
C THR A 230 5.72 0.31 22.97
N VAL A 231 5.94 0.04 21.69
CA VAL A 231 6.65 0.97 20.82
C VAL A 231 5.86 2.26 20.63
N VAL A 232 4.56 2.12 20.40
CA VAL A 232 3.72 3.27 20.11
C VAL A 232 3.57 4.15 21.35
N SER A 233 3.45 3.54 22.53
CA SER A 233 3.42 4.31 23.77
C SER A 233 4.70 5.09 23.97
N ALA A 234 5.85 4.47 23.70
CA ALA A 234 7.12 5.17 23.83
C ALA A 234 7.21 6.37 22.90
N TYR A 235 6.67 6.25 21.69
CA TYR A 235 6.64 7.40 20.78
C TYR A 235 5.78 8.54 21.31
N TRP A 236 4.50 8.25 21.61
CA TRP A 236 3.57 9.31 21.97
C TRP A 236 3.85 9.91 23.34
N ALA A 237 4.59 9.21 24.20
CA ALA A 237 5.02 9.78 25.47
C ALA A 237 5.93 10.99 25.28
N GLN A 238 6.52 11.14 24.09
CA GLN A 238 7.38 12.28 23.81
C GLN A 238 6.63 13.49 23.26
N VAL A 239 5.30 13.42 23.18
CA VAL A 239 4.48 14.49 22.63
C VAL A 239 3.57 14.97 23.75
N SER A 240 3.77 16.21 24.21
CA SER A 240 2.98 16.74 25.30
CA SER A 240 2.97 16.72 25.31
C SER A 240 1.49 16.75 24.93
N GLY A 241 0.67 16.16 25.78
CA GLY A 241 -0.76 16.16 25.59
C GLY A 241 -1.29 15.04 24.71
N ALA A 242 -0.42 14.20 24.15
CA ALA A 242 -0.89 13.08 23.36
C ALA A 242 -1.51 12.01 24.23
N LYS A 243 -2.52 11.33 23.71
CA LYS A 243 -3.24 10.32 24.47
C LYS A 243 -3.91 9.36 23.49
N SER A 244 -4.16 8.14 23.97
CA SER A 244 -4.96 7.19 23.22
C SER A 244 -6.44 7.43 23.56
N SER A 245 -7.24 7.69 22.53
CA SER A 245 -8.65 7.97 22.68
C SER A 245 -9.46 6.78 22.16
N SER A 246 -10.17 6.10 23.07
CA SER A 246 -11.06 5.03 22.64
CA SER A 246 -11.06 5.03 22.64
C SER A 246 -12.18 5.56 21.76
N SER A 247 -12.67 6.77 22.05
CA SER A 247 -13.79 7.31 21.27
C SER A 247 -13.36 7.65 19.85
N VAL A 248 -12.15 8.18 19.68
CA VAL A 248 -11.68 8.53 18.34
C VAL A 248 -11.17 7.28 17.61
N GLY A 249 -10.56 6.35 18.33
CA GLY A 249 -10.04 5.14 17.73
C GLY A 249 -8.53 5.09 17.58
N GLY A 250 -7.80 5.82 18.41
CA GLY A 250 -6.35 5.76 18.40
C GLY A 250 -5.73 6.94 19.11
N TYR A 251 -4.43 7.05 18.97
CA TYR A 251 -3.69 8.18 19.52
C TYR A 251 -4.02 9.46 18.78
N VAL A 252 -4.27 10.50 19.57
CA VAL A 252 -4.47 11.87 19.12
C VAL A 252 -3.47 12.75 19.85
N PHE A 253 -3.25 13.92 19.31
CA PHE A 253 -2.26 14.84 19.89
C PHE A 253 -2.69 16.28 19.59
N PRO A 254 -2.21 17.24 20.37
CA PRO A 254 -2.59 18.64 20.10
C PRO A 254 -2.07 19.07 18.75
N CYS A 255 -2.93 19.69 17.94
CA CYS A 255 -2.50 20.13 16.62
C CYS A 255 -1.38 21.17 16.69
N SER A 256 -1.20 21.82 17.84
CA SER A 256 -0.11 22.77 18.06
C SER A 256 1.25 22.11 18.27
N ALA A 257 1.32 20.80 18.37
CA ALA A 257 2.58 20.13 18.65
C ALA A 257 3.50 20.09 17.44
N THR A 258 4.80 20.05 17.71
CA THR A 258 5.81 19.64 16.73
C THR A 258 6.19 18.20 17.03
N LEU A 259 5.97 17.29 16.07
CA LEU A 259 6.15 15.87 16.36
C LEU A 259 7.61 15.47 16.19
N PRO A 260 8.10 14.55 17.01
CA PRO A 260 9.43 13.99 16.81
C PRO A 260 9.43 13.01 15.66
N SER A 261 10.62 12.78 15.10
CA SER A 261 10.78 11.77 14.08
C SER A 261 10.69 10.37 14.72
N PHE A 262 10.60 9.36 13.85
CA PHE A 262 10.60 7.97 14.26
C PHE A 262 11.53 7.23 13.31
N THR A 263 12.48 6.48 13.86
CA THR A 263 13.44 5.72 13.06
C THR A 263 13.13 4.25 13.21
N PHE A 264 13.17 3.51 12.10
CA PHE A 264 13.09 2.06 12.14
C PHE A 264 14.32 1.44 11.50
N GLY A 265 14.70 0.28 12.03
CA GLY A 265 15.88 -0.43 11.55
C GLY A 265 15.57 -1.40 10.42
N VAL A 266 16.49 -1.43 9.46
CA VAL A 266 16.51 -2.44 8.39
C VAL A 266 17.91 -3.01 8.42
N GLY A 267 18.05 -4.22 8.99
CA GLY A 267 19.39 -4.69 9.29
C GLY A 267 20.14 -3.66 10.11
N SER A 268 21.38 -3.37 9.71
CA SER A 268 22.17 -2.35 10.39
CA SER A 268 22.19 -2.35 10.38
C SER A 268 21.85 -0.93 9.91
N ALA A 269 20.98 -0.79 8.91
CA ALA A 269 20.63 0.53 8.40
C ALA A 269 19.42 1.09 9.13
N ARG A 270 19.15 2.38 8.88
CA ARG A 270 18.12 3.11 9.61
C ARG A 270 17.35 3.97 8.61
N ILE A 271 16.03 3.93 8.70
CA ILE A 271 15.16 4.82 7.94
C ILE A 271 14.49 5.78 8.92
N VAL A 272 14.60 7.07 8.64
CA VAL A 272 14.06 8.12 9.50
C VAL A 272 12.78 8.68 8.89
N ILE A 273 11.69 8.56 9.63
CA ILE A 273 10.40 9.15 9.28
C ILE A 273 10.34 10.53 9.93
N PRO A 274 10.36 11.63 9.18
CA PRO A 274 10.24 12.94 9.81
C PRO A 274 8.94 13.08 10.57
N GLY A 275 8.99 13.89 11.64
CA GLY A 275 7.79 14.11 12.45
C GLY A 275 6.57 14.55 11.65
N ASP A 276 6.76 15.42 10.66
CA ASP A 276 5.61 15.92 9.91
C ASP A 276 4.87 14.80 9.18
N TYR A 277 5.56 13.71 8.85
CA TYR A 277 4.90 12.60 8.17
C TYR A 277 3.89 11.89 9.07
N ILE A 278 3.97 12.11 10.39
CA ILE A 278 3.14 11.44 11.38
C ILE A 278 1.89 12.24 11.72
N ASP A 279 1.73 13.43 11.14
CA ASP A 279 0.57 14.30 11.39
C ASP A 279 -0.51 14.03 10.35
N PHE A 280 -1.66 13.51 10.80
CA PHE A 280 -2.81 13.28 9.93
C PHE A 280 -3.96 14.25 10.18
N GLY A 281 -3.66 15.38 10.81
CA GLY A 281 -4.53 16.52 10.84
C GLY A 281 -5.71 16.37 11.78
N PRO A 282 -6.56 17.38 11.78
CA PRO A 282 -7.67 17.42 12.74
C PRO A 282 -8.57 16.19 12.64
N ILE A 283 -9.05 15.71 13.80
CA ILE A 283 -9.90 14.52 13.81
C ILE A 283 -11.23 14.80 13.12
N SER A 284 -11.68 16.05 13.15
CA SER A 284 -12.86 16.54 12.47
C SER A 284 -12.56 17.97 12.08
N THR A 285 -13.26 18.47 11.07
CA THR A 285 -12.95 19.80 10.57
C THR A 285 -12.99 20.83 11.70
N GLY A 286 -11.93 21.61 11.82
CA GLY A 286 -11.84 22.67 12.79
C GLY A 286 -11.38 22.26 14.17
N SER A 287 -11.21 20.96 14.42
CA SER A 287 -10.75 20.51 15.72
C SER A 287 -9.28 20.84 15.93
N SER A 288 -8.91 21.10 17.18
CA SER A 288 -7.50 21.22 17.55
C SER A 288 -6.90 19.92 18.06
N SER A 289 -7.62 18.80 17.97
CA SER A 289 -7.07 17.49 18.22
CA SER A 289 -7.09 17.48 18.22
C SER A 289 -6.75 16.86 16.89
N CYS A 290 -5.51 16.40 16.75
CA CYS A 290 -4.98 15.86 15.50
C CYS A 290 -4.76 14.36 15.63
N PHE A 291 -4.91 13.66 14.51
CA PHE A 291 -4.81 12.19 14.51
C PHE A 291 -3.38 11.75 14.22
N GLY A 292 -2.88 10.80 15.02
CA GLY A 292 -1.51 10.35 14.86
C GLY A 292 -1.32 9.34 13.74
N GLY A 293 -0.14 9.38 13.13
CA GLY A 293 0.20 8.47 12.05
C GLY A 293 0.89 7.20 12.46
N ILE A 294 1.22 7.06 13.73
CA ILE A 294 1.73 5.85 14.33
C ILE A 294 0.65 5.38 15.32
N GLN A 295 0.18 4.14 15.16
CA GLN A 295 -0.92 3.61 15.95
C GLN A 295 -0.58 2.19 16.38
N SER A 296 -1.27 1.72 17.40
CA SER A 296 -1.02 0.38 17.90
C SER A 296 -1.59 -0.67 16.95
N SER A 297 -0.83 -1.76 16.79
CA SER A 297 -1.29 -2.93 16.04
C SER A 297 -1.99 -3.94 16.93
N ALA A 298 -2.11 -3.67 18.23
N ALA A 298 -2.18 -3.65 18.21
CA ALA A 298 -2.78 -4.61 19.11
CA ALA A 298 -2.58 -4.68 19.17
C ALA A 298 -4.23 -4.76 18.68
C ALA A 298 -3.86 -5.38 18.74
N GLY A 299 -4.66 -5.99 18.43
N GLY A 299 -4.81 -4.67 18.15
CA GLY A 299 -5.97 -6.24 17.89
CA GLY A 299 -6.06 -5.27 17.74
C GLY A 299 -6.00 -6.39 16.39
C GLY A 299 -6.09 -5.86 16.34
N ILE A 300 -4.94 -5.99 15.69
CA ILE A 300 -4.86 -6.31 14.25
C ILE A 300 -4.31 -7.71 14.04
N GLY A 301 -3.36 -8.13 14.88
CA GLY A 301 -2.70 -9.40 14.72
C GLY A 301 -1.42 -9.36 13.91
N ILE A 302 -1.06 -8.21 13.35
CA ILE A 302 0.18 -8.07 12.59
C ILE A 302 0.59 -6.61 12.64
N ASN A 303 1.90 -6.36 12.62
CA ASN A 303 2.40 -5.01 12.47
C ASN A 303 2.42 -4.65 10.99
N ILE A 304 2.15 -3.38 10.70
CA ILE A 304 1.98 -2.92 9.32
C ILE A 304 2.85 -1.71 9.08
N PHE A 305 3.85 -1.85 8.21
CA PHE A 305 4.65 -0.74 7.71
C PHE A 305 3.90 -0.19 6.50
N GLY A 306 2.95 0.70 6.79
CA GLY A 306 2.15 1.34 5.78
C GLY A 306 2.82 2.58 5.22
N ASP A 307 2.01 3.41 4.54
CA ASP A 307 2.56 4.53 3.77
C ASP A 307 3.43 5.47 4.61
N VAL A 308 3.03 5.74 5.85
CA VAL A 308 3.82 6.61 6.73
C VAL A 308 5.28 6.19 6.77
N ALA A 309 5.53 4.87 6.89
CA ALA A 309 6.89 4.37 6.90
C ALA A 309 7.46 4.27 5.50
N LEU A 310 6.71 3.72 4.55
CA LEU A 310 7.29 3.44 3.25
C LEU A 310 7.64 4.71 2.49
N LYS A 311 6.88 5.80 2.67
CA LYS A 311 7.14 7.04 1.94
CA LYS A 311 7.18 7.01 1.90
C LYS A 311 8.45 7.70 2.38
N ALA A 312 9.01 7.29 3.52
CA ALA A 312 10.31 7.79 3.94
C ALA A 312 11.46 7.06 3.26
N ALA A 313 11.17 6.09 2.40
CA ALA A 313 12.21 5.25 1.80
C ALA A 313 11.92 5.01 0.33
N PHE A 314 12.98 4.56 -0.35
CA PHE A 314 12.88 3.92 -1.66
C PHE A 314 12.86 2.42 -1.38
N VAL A 315 11.80 1.73 -1.79
CA VAL A 315 11.54 0.36 -1.35
C VAL A 315 11.55 -0.58 -2.55
N VAL A 316 12.38 -1.62 -2.48
CA VAL A 316 12.51 -2.64 -3.52
C VAL A 316 11.76 -3.89 -3.09
N PHE A 317 10.80 -4.29 -3.91
CA PHE A 317 10.07 -5.54 -3.76
C PHE A 317 10.72 -6.52 -4.73
N ASN A 318 11.61 -7.36 -4.21
CA ASN A 318 12.41 -8.26 -5.04
C ASN A 318 11.72 -9.62 -5.12
N GLY A 319 11.18 -9.92 -6.29
CA GLY A 319 10.43 -11.14 -6.53
C GLY A 319 11.24 -12.25 -7.17
N ALA A 320 12.53 -12.29 -6.88
CA ALA A 320 13.35 -13.44 -7.23
C ALA A 320 12.82 -14.71 -6.55
N THR A 321 13.41 -15.84 -6.95
CA THR A 321 12.94 -17.13 -6.46
C THR A 321 12.83 -17.15 -4.94
N THR A 322 13.81 -16.57 -4.24
CA THR A 322 13.70 -16.27 -2.82
C THR A 322 13.44 -14.77 -2.70
N PRO A 323 12.22 -14.34 -2.42
CA PRO A 323 11.97 -12.89 -2.37
C PRO A 323 12.69 -12.22 -1.21
N THR A 324 13.01 -10.93 -1.42
CA THR A 324 13.56 -10.07 -0.36
C THR A 324 12.99 -8.67 -0.52
N LEU A 325 13.15 -7.84 0.52
N LEU A 325 13.32 -7.80 0.44
CA LEU A 325 12.82 -6.43 0.48
CA LEU A 325 12.81 -6.45 0.51
C LEU A 325 14.10 -5.62 0.60
C LEU A 325 13.96 -5.50 0.77
N GLY A 326 14.15 -4.49 -0.08
CA GLY A 326 15.24 -3.53 0.06
C GLY A 326 14.71 -2.16 0.46
N PHE A 327 15.45 -1.48 1.35
CA PHE A 327 15.12 -0.12 1.76
C PHE A 327 16.34 0.78 1.62
N ALA A 328 16.15 1.94 1.02
CA ALA A 328 17.16 3.00 0.98
C ALA A 328 16.52 4.31 1.45
N SER A 329 17.37 5.18 2.00
CA SER A 329 16.98 6.56 2.22
C SER A 329 16.89 7.29 0.89
N LYS A 330 16.26 8.47 0.90
CA LYS A 330 16.10 9.22 -0.34
C LYS A 330 15.96 10.71 -0.10
C13 A1CFT B . -9.99 9.67 6.05
C02 A1CFT B . -10.35 7.97 9.31
C03 A1CFT B . -10.14 8.37 7.88
C05 A1CFT B . -9.67 8.36 5.72
C06 A1CFT B . -9.31 7.81 4.42
C07 A1CFT B . -9.68 8.42 3.24
C08 A1CFT B . -9.37 7.90 2.00
C09 A1CFT B . -8.65 6.72 1.95
C11 A1CFT B . -8.25 6.05 3.09
C12 A1CFT B . -8.60 6.61 4.31
F10 A1CFT B . -8.34 6.20 0.76
N01 A1CFT B . -9.13 7.75 10.05
N04 A1CFT B . -9.76 7.57 6.87
N14 A1CFT B . -10.28 9.68 7.42
C13 A1CFT C . -11.00 3.14 4.07
C02 A1CFT C . -12.62 6.36 3.20
C03 A1CFT C . -11.85 5.05 3.25
C05 A1CFT C . -10.67 3.24 2.72
C06 A1CFT C . -9.81 2.35 1.98
C07 A1CFT C . -9.55 1.04 2.39
C08 A1CFT C . -8.66 0.21 1.71
C09 A1CFT C . -8.02 0.72 0.60
C11 A1CFT C . -8.23 2.02 0.17
C12 A1CFT C . -9.11 2.82 0.87
F10 A1CFT C . -7.15 -0.04 -0.07
N01 A1CFT C . -13.96 6.29 2.69
N04 A1CFT C . -11.18 4.44 2.23
N14 A1CFT C . -11.76 4.27 4.40
S DMS D . -6.50 2.44 5.20
O DMS D . -5.18 2.12 5.85
C1 DMS D . -6.20 2.68 3.44
C2 DMS D . -7.23 4.02 5.70
H11 DMS D . -6.20 1.83 2.99
H12 DMS D . -5.33 3.10 3.32
H13 DMS D . -6.88 3.25 3.06
H21 DMS D . -8.02 4.19 5.16
H22 DMS D . -6.58 4.73 5.56
H23 DMS D . -7.48 3.98 6.64
C1 PG5 E . -10.04 7.73 13.03
O1 PG5 E . -10.03 9.13 13.14
C2 PG5 E . -9.79 9.73 11.89
C3 PG5 E . -9.69 11.23 11.85
O2 PG5 E . -8.50 11.64 11.19
C4 PG5 E . -8.31 11.25 9.83
C5 PG5 E . -7.09 10.36 9.71
O3 PG5 E . -6.88 9.91 8.37
C6 PG5 E . -5.96 8.84 8.26
C7 PG5 E . -6.68 7.55 7.93
O4 PG5 E . -6.08 6.45 8.59
C8 PG5 E . -7.02 5.51 9.05
H11 PG5 E . -9.18 7.38 12.71
H12 PG5 E . -10.71 7.41 12.41
H13 PG5 E . -10.20 7.29 13.88
H21 PG5 E . -8.95 9.38 11.53
H22 PG5 E . -10.48 9.46 11.28
H31 PG5 E . -10.49 11.57 11.40
H32 PG5 E . -9.73 11.57 12.76
H41 PG5 E . -9.09 10.78 9.49
H42 PG5 E . -8.20 12.04 9.27
H51 PG5 E . -6.33 10.85 10.04
H52 PG5 E . -7.22 9.60 10.30
H61 PG5 E . -5.31 9.02 7.56
H62 PG5 E . -5.46 8.72 9.08
H71 PG5 E . -7.61 7.65 8.19
H72 PG5 E . -6.66 7.44 6.97
H81 PG5 E . -7.65 5.32 8.33
H82 PG5 E . -6.54 4.72 9.31
H83 PG5 E . -7.48 5.90 9.81
C1 GOL F . 13.01 11.83 4.51
O1 GOL F . 13.57 13.11 4.35
C2 GOL F . 14.22 10.92 4.57
O2 GOL F . 14.35 10.36 5.87
C3 GOL F . 14.15 9.93 3.42
O3 GOL F . 14.88 8.77 3.71
H11 GOL F . 12.48 11.75 5.32
H12 GOL F . 12.44 11.59 3.77
HO1 GOL F . 14.10 13.24 5.01
H2 GOL F . 15.03 11.43 4.44
HO2 GOL F . 13.64 9.93 6.05
H31 GOL F . 13.21 9.71 3.26
H32 GOL F . 14.48 10.37 2.63
HO3 GOL F . 15.70 8.90 3.50
C ACT G . -2.01 19.92 11.73
O ACT G . -1.97 19.09 10.80
OXT ACT G . -1.15 20.16 12.63
CH3 ACT G . -3.32 20.73 11.71
H1 ACT G . -3.93 20.48 12.41
H2 ACT G . -3.81 20.63 10.88
H3 ACT G . -3.18 21.69 11.81
C1 PEG H . -16.88 -8.59 -22.94
O1 PEG H . -18.26 -8.43 -22.67
C2 PEG H . -16.51 -10.03 -22.75
O2 PEG H . -17.62 -10.83 -23.12
C3 PEG H . -17.47 -12.16 -22.74
C4 PEG H . -16.53 -12.88 -23.67
O4 PEG H . -15.99 -14.01 -23.04
H11 PEG H . -16.66 -8.32 -23.85
H12 PEG H . -16.33 -8.05 -22.36
HO1 PEG H . -18.69 -8.72 -23.34
H21 PEG H . -15.74 -10.24 -23.30
H22 PEG H . -16.25 -10.17 -21.83
H31 PEG H . -17.13 -12.23 -21.83
H32 PEG H . -18.33 -12.62 -22.74
H41 PEG H . -17.04 -13.10 -24.47
H42 PEG H . -15.85 -12.25 -23.95
HO4 PEG H . -16.62 -14.52 -22.81
C1 GOL I . 0.71 -7.45 16.53
O1 GOL I . -0.68 -7.55 16.67
C2 GOL I . 1.29 -6.76 17.76
O2 GOL I . 0.30 -5.94 18.36
C3 GOL I . 1.80 -7.77 18.76
O3 GOL I . 2.00 -7.03 19.95
H11 GOL I . 1.13 -8.31 16.43
H12 GOL I . 0.95 -6.93 15.75
HO1 GOL I . -0.98 -8.04 16.04
H2 GOL I . 2.03 -6.23 17.44
HO2 GOL I . -0.38 -6.42 18.51
H31 GOL I . 1.16 -8.48 18.89
H32 GOL I . 2.63 -8.17 18.44
HO3 GOL I . 2.53 -6.38 19.78
C1 PEG J . 14.49 6.18 21.41
O1 PEG J . 14.48 7.39 20.72
C2 PEG J . 13.46 6.16 22.50
O2 PEG J . 12.93 4.86 22.60
C3 PEG J . 11.96 4.80 23.61
C4 PEG J . 12.22 3.64 24.53
O4 PEG J . 11.78 2.48 23.88
H11 PEG J . 14.32 5.44 20.80
H12 PEG J . 15.36 6.01 21.80
HO1 PEG J . 15.16 7.42 20.21
H21 PEG J . 13.88 6.43 23.32
H22 PEG J . 12.77 6.80 22.29
H31 PEG J . 11.96 5.62 24.12
H32 PEG J . 11.07 4.71 23.22
H41 PEG J . 13.17 3.62 24.72
H42 PEG J . 11.77 3.80 25.36
HO4 PEG J . 10.93 2.46 23.92
#